data_7ALT
#
_entry.id   7ALT
#
_cell.length_a   70.329
_cell.length_b   49.402
_cell.length_c   93.123
_cell.angle_alpha   90.000
_cell.angle_beta   110.249
_cell.angle_gamma   90.000
#
_symmetry.space_group_name_H-M   'P 1 21 1'
#
loop_
_entity.id
_entity.type
_entity.pdbx_description
1 polymer 'Protein serrate'
2 branched 2-acetamido-2-deoxy-beta-D-glucopyranose-(1-4)-2-acetamido-2-deoxy-beta-D-glucopyranose
3 non-polymer 'CALCIUM ION'
4 non-polymer 2-acetamido-2-deoxy-beta-D-glucopyranose
5 water water
#
_entity_poly.entity_id   1
_entity_poly.type   'polypeptide(L)'
_entity_poly.pdbx_seq_one_letter_code
;AGNFELEILEISNTNSHLLNGYCCGMPAELRATKTIGCSPCTTAFRLCLKEYQTTEQGASISTGCSFGNATTKILGGSSF
VLSDPGVGAIVLPFTFRWTKSFTLILQALDMYNTSYPDAERLIEETSYSGVILPSPEWKTLDHIGRNARITYRVRVQCAV
TYYNTTCTTFCRPRDDQFGHYACGSEGQKLCLNGWQGVNCEEAICKAGCDPVHGKCDRPGECECRPGWRGPLCNECMVYP
GCKHGSCNGSAWKCVCDTNWGGILCDQDLN
;
_entity_poly.pdbx_strand_id   A,B
#
loop_
_chem_comp.id
_chem_comp.type
_chem_comp.name
_chem_comp.formula
CA non-polymer 'CALCIUM ION' 'Ca 2'
NAG D-saccharide, beta linking 2-acetamido-2-deoxy-beta-D-glucopyranose 'C8 H15 N O6'
#
# COMPACT_ATOMS: atom_id res chain seq x y z
N ALA A 1 -4.98 -3.43 2.82
CA ALA A 1 -3.93 -3.75 3.78
C ALA A 1 -3.84 -5.25 4.02
N GLY A 2 -2.68 -5.71 4.46
CA GLY A 2 -2.45 -7.13 4.67
C GLY A 2 -0.99 -7.39 4.93
N ASN A 3 -0.58 -8.65 4.73
CA ASN A 3 0.79 -9.05 4.99
C ASN A 3 1.31 -9.95 3.88
N PHE A 4 2.56 -9.76 3.51
CA PHE A 4 3.32 -10.74 2.74
C PHE A 4 3.99 -11.67 3.73
N GLU A 5 3.74 -12.97 3.61
CA GLU A 5 4.26 -13.95 4.53
C GLU A 5 5.26 -14.87 3.82
N LEU A 6 6.38 -15.14 4.50
CA LEU A 6 7.39 -16.07 4.02
C LEU A 6 7.73 -17.02 5.16
N GLU A 7 7.66 -18.32 4.89
CA GLU A 7 8.00 -19.33 5.89
C GLU A 7 9.12 -20.19 5.33
N ILE A 8 10.22 -20.26 6.06
CA ILE A 8 11.29 -21.19 5.75
C ILE A 8 10.82 -22.60 6.06
N LEU A 9 11.06 -23.53 5.14
CA LEU A 9 10.69 -24.92 5.34
C LEU A 9 11.90 -25.82 5.61
N GLU A 10 13.00 -25.58 4.91
CA GLU A 10 14.19 -26.41 5.07
C GLU A 10 15.39 -25.67 4.53
N ILE A 11 16.55 -25.93 5.13
CA ILE A 11 17.84 -25.56 4.56
C ILE A 11 18.74 -26.78 4.64
N SER A 12 19.48 -27.03 3.56
CA SER A 12 20.44 -28.13 3.49
C SER A 12 21.80 -27.50 3.20
N ASN A 13 22.64 -27.44 4.23
CA ASN A 13 24.03 -26.98 4.13
C ASN A 13 24.88 -28.03 4.82
N THR A 14 25.07 -29.18 4.15
CA THR A 14 25.57 -30.38 4.81
C THR A 14 26.99 -30.22 5.33
N ASN A 15 27.81 -29.41 4.67
CA ASN A 15 29.21 -29.26 5.04
C ASN A 15 29.48 -28.02 5.91
N SER A 16 28.43 -27.32 6.32
CA SER A 16 28.53 -26.17 7.22
C SER A 16 29.51 -25.13 6.68
N HIS A 17 29.40 -24.84 5.40
CA HIS A 17 30.22 -23.84 4.74
C HIS A 17 29.45 -22.52 4.58
N LEU A 18 30.21 -21.47 4.25
CA LEU A 18 29.65 -20.21 3.79
C LEU A 18 29.63 -20.18 2.27
N LEU A 19 28.98 -19.16 1.71
CA LEU A 19 28.93 -19.06 0.25
C LEU A 19 30.32 -18.85 -0.34
N ASN A 20 31.19 -18.11 0.37
CA ASN A 20 32.55 -17.89 -0.09
C ASN A 20 33.46 -19.11 0.08
N GLY A 21 32.93 -20.25 0.51
CA GLY A 21 33.69 -21.47 0.59
C GLY A 21 34.42 -21.70 1.90
N TYR A 22 34.43 -20.73 2.80
CA TYR A 22 35.02 -20.91 4.10
C TYR A 22 34.02 -21.60 5.03
N CYS A 23 34.46 -21.88 6.26
CA CYS A 23 33.63 -22.55 7.24
C CYS A 23 32.76 -21.56 7.99
N CYS A 24 31.61 -22.04 8.47
CA CYS A 24 30.84 -21.30 9.44
C CYS A 24 31.57 -21.28 10.78
N GLY A 25 31.06 -20.46 11.68
CA GLY A 25 31.59 -20.39 13.04
C GLY A 25 33.04 -19.94 13.08
N MET A 26 33.70 -20.32 14.16
CA MET A 26 35.08 -19.90 14.36
C MET A 26 36.01 -20.68 13.43
N PRO A 27 37.00 -20.01 12.83
CA PRO A 27 38.01 -20.76 12.07
C PRO A 27 38.61 -21.85 12.93
N ALA A 28 38.79 -23.02 12.32
CA ALA A 28 39.24 -24.19 13.08
C ALA A 28 40.65 -23.98 13.66
N GLU A 29 41.46 -23.13 13.05
CA GLU A 29 42.80 -22.87 13.57
C GLU A 29 42.75 -22.14 14.90
N LEU A 30 41.74 -21.30 15.10
CA LEU A 30 41.60 -20.53 16.33
C LEU A 30 40.82 -21.28 17.41
N ARG A 31 40.36 -22.49 17.12
CA ARG A 31 39.57 -23.27 18.06
C ARG A 31 40.49 -24.07 18.98
N ALA A 32 40.15 -24.10 20.26
CA ALA A 32 40.87 -24.90 21.24
C ALA A 32 40.07 -26.14 21.60
N THR A 33 39.66 -26.89 20.58
CA THR A 33 38.81 -28.06 20.76
C THR A 33 39.32 -29.20 19.89
N LYS A 34 38.84 -30.41 20.18
CA LYS A 34 39.15 -31.58 19.38
C LYS A 34 38.23 -31.72 18.16
N THR A 35 37.38 -30.74 17.91
CA THR A 35 36.47 -30.81 16.77
C THR A 35 37.25 -30.94 15.46
N ILE A 36 36.70 -31.75 14.55
CA ILE A 36 37.27 -31.96 13.22
C ILE A 36 36.32 -31.34 12.21
N GLY A 37 36.87 -30.56 11.29
CA GLY A 37 36.06 -29.96 10.25
C GLY A 37 35.50 -28.61 10.62
N CYS A 38 34.56 -28.14 9.80
CA CYS A 38 33.95 -26.84 10.02
C CYS A 38 33.05 -26.85 11.25
N SER A 39 33.00 -25.72 11.95
CA SER A 39 32.04 -25.55 13.01
C SER A 39 30.65 -25.34 12.40
N PRO A 40 29.59 -25.63 13.14
CA PRO A 40 28.25 -25.49 12.58
C PRO A 40 27.88 -24.04 12.31
N CYS A 41 27.04 -23.84 11.29
CA CYS A 41 26.45 -22.53 11.09
C CYS A 41 25.39 -22.27 12.17
N THR A 42 25.11 -20.98 12.38
CA THR A 42 24.06 -20.49 13.26
C THR A 42 23.09 -19.70 12.37
N THR A 43 22.21 -20.43 11.68
CA THR A 43 21.51 -19.86 10.53
C THR A 43 20.29 -19.05 10.91
N ALA A 44 20.25 -17.82 10.40
CA ALA A 44 19.03 -17.00 10.37
C ALA A 44 18.82 -16.58 8.91
N PHE A 45 17.68 -15.97 8.66
CA PHE A 45 17.27 -15.62 7.30
C PHE A 45 16.80 -14.17 7.22
N ARG A 46 17.24 -13.47 6.19
CA ARG A 46 16.90 -12.07 5.95
C ARG A 46 16.06 -12.00 4.67
N LEU A 47 14.88 -11.38 4.78
CA LEU A 47 13.99 -11.17 3.64
C LEU A 47 13.98 -9.71 3.24
N CYS A 48 14.23 -9.45 1.96
CA CYS A 48 14.14 -8.11 1.38
C CYS A 48 13.05 -8.15 0.31
N LEU A 49 11.98 -7.41 0.54
CA LEU A 49 10.85 -7.35 -0.39
C LEU A 49 10.81 -5.98 -1.05
N LYS A 50 10.53 -5.96 -2.35
CA LYS A 50 10.58 -4.73 -3.12
C LYS A 50 9.69 -4.89 -4.33
N GLU A 51 9.56 -3.81 -5.10
CA GLU A 51 8.78 -3.83 -6.32
C GLU A 51 9.43 -4.71 -7.37
N TYR A 52 8.60 -5.27 -8.27
CA TYR A 52 9.07 -6.12 -9.35
C TYR A 52 10.24 -5.47 -10.08
N GLN A 53 11.31 -6.25 -10.31
CA GLN A 53 12.57 -5.76 -10.84
C GLN A 53 12.90 -6.43 -12.16
N THR A 54 13.25 -5.62 -13.16
CA THR A 54 13.47 -6.09 -14.52
C THR A 54 14.94 -6.30 -14.88
N THR A 55 15.86 -6.17 -13.93
CA THR A 55 17.29 -6.34 -14.24
C THR A 55 18.02 -7.02 -13.09
N GLU A 56 19.26 -7.44 -13.37
CA GLU A 56 20.08 -8.15 -12.41
C GLU A 56 20.41 -7.30 -11.19
N GLN A 57 20.62 -5.99 -11.38
CA GLN A 57 20.96 -5.12 -10.27
C GLN A 57 19.81 -4.97 -9.29
N GLY A 58 18.57 -5.14 -9.75
CA GLY A 58 17.43 -5.10 -8.87
C GLY A 58 17.39 -6.26 -7.88
N ALA A 59 18.03 -7.37 -8.19
CA ALA A 59 18.04 -8.53 -7.32
C ALA A 59 19.09 -8.45 -6.22
N SER A 60 19.57 -7.25 -5.92
CA SER A 60 20.47 -6.98 -4.80
C SER A 60 19.72 -6.25 -3.70
N ILE A 61 20.16 -6.43 -2.45
CA ILE A 61 19.59 -5.65 -1.35
C ILE A 61 20.12 -4.23 -1.31
N SER A 62 20.99 -3.85 -2.26
CA SER A 62 21.50 -2.49 -2.32
C SER A 62 20.50 -1.50 -2.89
N THR A 63 19.56 -1.95 -3.72
CA THR A 63 18.53 -1.07 -4.26
C THR A 63 17.42 -0.80 -3.25
N GLY A 64 17.54 -1.31 -2.04
CA GLY A 64 16.58 -1.05 -1.01
C GLY A 64 15.48 -2.09 -0.96
N CYS A 65 14.70 -2.04 0.12
CA CYS A 65 13.61 -2.99 0.36
C CYS A 65 12.34 -2.20 0.66
N SER A 66 11.73 -1.65 -0.40
CA SER A 66 10.62 -0.73 -0.21
C SER A 66 9.43 -1.40 0.48
N PHE A 67 9.19 -2.67 0.18
CA PHE A 67 8.02 -3.33 0.73
C PHE A 67 8.28 -3.91 2.12
N GLY A 68 9.50 -3.75 2.62
CA GLY A 68 9.82 -4.19 3.97
C GLY A 68 11.06 -5.06 4.01
N ASN A 69 11.63 -5.22 5.20
CA ASN A 69 12.76 -6.12 5.37
C ASN A 69 12.71 -6.63 6.80
N ALA A 70 13.10 -7.89 6.98
CA ALA A 70 13.10 -8.50 8.29
C ALA A 70 14.13 -9.62 8.33
N THR A 71 14.55 -9.95 9.54
CA THR A 71 15.47 -11.05 9.78
C THR A 71 14.85 -11.95 10.84
N THR A 72 14.84 -13.25 10.57
CA THR A 72 14.32 -14.20 11.54
C THR A 72 15.25 -14.30 12.74
N LYS A 73 14.77 -14.96 13.79
CA LYS A 73 15.64 -15.49 14.82
C LYS A 73 16.52 -16.59 14.23
N ILE A 74 17.51 -17.03 15.00
CA ILE A 74 18.25 -18.22 14.62
C ILE A 74 17.27 -19.38 14.61
N LEU A 75 17.14 -20.05 13.46
CA LEU A 75 16.18 -21.14 13.31
C LEU A 75 16.80 -22.51 13.51
N GLY A 76 18.12 -22.63 13.41
CA GLY A 76 18.76 -23.92 13.64
C GLY A 76 20.22 -23.86 13.26
N GLY A 77 20.79 -25.04 13.04
CA GLY A 77 22.20 -25.13 12.71
C GLY A 77 22.47 -25.07 11.23
N SER A 78 23.35 -25.95 10.73
CA SER A 78 23.71 -25.91 9.32
C SER A 78 22.56 -26.39 8.44
N SER A 79 21.95 -27.52 8.80
CA SER A 79 20.82 -28.07 8.05
C SER A 79 19.69 -28.40 9.02
N PHE A 80 18.46 -28.10 8.59
CA PHE A 80 17.31 -28.45 9.40
C PHE A 80 16.05 -28.37 8.55
N VAL A 81 15.07 -29.17 8.93
CA VAL A 81 13.72 -29.11 8.40
C VAL A 81 12.82 -28.61 9.52
N LEU A 82 12.09 -27.53 9.26
CA LEU A 82 11.25 -26.94 10.30
C LEU A 82 9.92 -27.69 10.32
N SER A 83 9.64 -28.36 11.44
CA SER A 83 8.38 -29.09 11.59
C SER A 83 7.21 -28.13 11.65
N ASP A 84 7.40 -26.95 12.26
CA ASP A 84 6.36 -25.93 12.39
C ASP A 84 6.88 -24.62 11.79
N PRO A 85 6.78 -24.46 10.47
CA PRO A 85 7.32 -23.25 9.84
C PRO A 85 6.73 -21.96 10.34
N GLY A 86 5.52 -21.99 10.92
CA GLY A 86 4.86 -20.76 11.31
C GLY A 86 5.54 -20.02 12.45
N VAL A 87 6.30 -20.72 13.30
CA VAL A 87 6.81 -20.06 14.49
C VAL A 87 7.86 -19.02 14.14
N GLY A 88 8.64 -19.26 13.08
CA GLY A 88 9.66 -18.31 12.65
C GLY A 88 9.34 -17.64 11.34
N ALA A 89 8.05 -17.56 11.02
CA ALA A 89 7.64 -16.94 9.77
C ALA A 89 8.01 -15.46 9.76
N ILE A 90 8.30 -14.95 8.57
CA ILE A 90 8.54 -13.52 8.35
C ILE A 90 7.22 -12.94 7.82
N VAL A 91 6.71 -11.93 8.52
CA VAL A 91 5.44 -11.29 8.16
C VAL A 91 5.73 -9.81 7.90
N LEU A 92 5.57 -9.39 6.66
CA LEU A 92 5.85 -8.01 6.27
C LEU A 92 4.55 -7.28 5.97
N PRO A 93 4.12 -6.33 6.78
CA PRO A 93 2.82 -5.67 6.52
C PRO A 93 2.90 -4.74 5.32
N PHE A 94 1.79 -4.66 4.59
CA PHE A 94 1.61 -3.64 3.55
C PHE A 94 0.32 -2.86 3.80
N THR A 95 0.36 -1.57 3.49
CA THR A 95 -0.81 -0.70 3.57
C THR A 95 -1.37 -0.44 2.18
N PHE A 96 -2.57 0.12 2.12
CA PHE A 96 -3.26 0.47 0.87
C PHE A 96 -3.41 -0.81 0.03
N ARG A 97 -3.28 -0.74 -1.28
CA ARG A 97 -3.57 -1.86 -2.17
C ARG A 97 -2.34 -2.76 -2.31
N TRP A 98 -2.57 -4.07 -2.31
CA TRP A 98 -1.52 -5.02 -2.63
C TRP A 98 -1.09 -4.86 -4.08
N THR A 99 0.23 -4.87 -4.31
CA THR A 99 0.80 -4.61 -5.63
C THR A 99 0.68 -5.79 -6.58
N LYS A 100 0.58 -7.00 -6.03
CA LYS A 100 0.52 -8.25 -6.80
C LYS A 100 1.91 -8.60 -7.34
N SER A 101 2.53 -7.70 -8.11
CA SER A 101 3.89 -7.93 -8.61
C SER A 101 4.92 -7.54 -7.54
N PHE A 102 6.00 -8.31 -7.47
CA PHE A 102 7.03 -8.07 -6.45
C PHE A 102 8.32 -8.78 -6.81
N THR A 103 9.39 -8.39 -6.11
CA THR A 103 10.65 -9.12 -6.14
C THR A 103 11.12 -9.29 -4.70
N LEU A 104 11.52 -10.51 -4.34
CA LEU A 104 12.10 -10.77 -3.03
C LEU A 104 13.54 -11.23 -3.17
N ILE A 105 14.33 -10.93 -2.15
CA ILE A 105 15.67 -11.47 -1.98
C ILE A 105 15.71 -12.12 -0.61
N LEU A 106 16.08 -13.41 -0.57
CA LEU A 106 16.17 -14.18 0.65
C LEU A 106 17.61 -14.61 0.87
N GLN A 107 18.16 -14.25 2.02
CA GLN A 107 19.52 -14.62 2.38
C GLN A 107 19.53 -15.52 3.60
N ALA A 108 20.41 -16.52 3.58
CA ALA A 108 20.73 -17.31 4.76
C ALA A 108 22.05 -16.78 5.32
N LEU A 109 22.06 -16.50 6.62
CA LEU A 109 23.16 -15.80 7.26
C LEU A 109 23.66 -16.60 8.45
N ASP A 110 24.99 -16.65 8.58
CA ASP A 110 25.66 -17.27 9.71
C ASP A 110 25.76 -16.23 10.82
N MET A 111 25.06 -16.45 11.93
CA MET A 111 25.01 -15.45 12.99
C MET A 111 26.11 -15.64 14.02
N TYR A 112 27.32 -15.92 13.55
CA TYR A 112 28.53 -15.92 14.37
C TYR A 112 29.07 -14.49 14.39
N ASN A 113 29.06 -13.85 15.55
CA ASN A 113 29.39 -12.43 15.67
C ASN A 113 30.70 -12.27 16.42
N THR A 114 31.67 -11.63 15.78
CA THR A 114 32.99 -11.38 16.36
C THR A 114 33.28 -9.90 16.32
N SER A 115 33.46 -9.33 15.13
CA SER A 115 33.42 -7.90 14.92
C SER A 115 32.02 -7.43 14.52
N TYR A 116 30.99 -8.23 14.84
CA TYR A 116 29.60 -7.88 14.53
C TYR A 116 29.52 -7.73 13.01
N PRO A 117 28.45 -7.10 12.42
CA PRO A 117 28.14 -7.41 11.03
C PRO A 117 29.27 -7.58 10.04
N ASP A 118 29.00 -8.36 9.01
CA ASP A 118 29.89 -8.51 7.85
C ASP A 118 29.14 -9.32 6.81
N ALA A 119 29.44 -9.05 5.54
CA ALA A 119 28.81 -9.79 4.45
C ALA A 119 29.49 -11.11 4.13
N GLU A 120 30.65 -11.42 4.71
CA GLU A 120 31.26 -12.72 4.48
C GLU A 120 30.43 -13.86 5.07
N ARG A 121 29.53 -13.56 6.00
CA ARG A 121 28.74 -14.58 6.68
C ARG A 121 27.52 -15.02 5.89
N LEU A 122 27.37 -14.55 4.64
CA LEU A 122 26.31 -15.06 3.77
C LEU A 122 26.51 -16.55 3.53
N ILE A 123 25.49 -17.34 3.89
CA ILE A 123 25.50 -18.77 3.58
C ILE A 123 24.97 -19.01 2.18
N GLU A 124 23.85 -18.40 1.83
CA GLU A 124 23.24 -18.63 0.53
C GLU A 124 22.29 -17.48 0.24
N GLU A 125 21.99 -17.28 -1.05
CA GLU A 125 21.13 -16.19 -1.44
C GLU A 125 20.29 -16.60 -2.65
N THR A 126 19.02 -16.21 -2.63
CA THR A 126 18.12 -16.48 -3.74
C THR A 126 17.18 -15.30 -3.92
N SER A 127 16.57 -15.26 -5.10
CA SER A 127 15.64 -14.20 -5.44
C SER A 127 14.53 -14.80 -6.27
N TYR A 128 13.34 -14.22 -6.13
CA TYR A 128 12.18 -14.62 -6.92
C TYR A 128 11.38 -13.37 -7.25
N SER A 129 11.04 -13.20 -8.52
CA SER A 129 10.15 -12.14 -8.98
C SER A 129 8.92 -12.78 -9.60
N GLY A 130 7.75 -12.25 -9.26
CA GLY A 130 6.52 -12.85 -9.74
C GLY A 130 5.34 -11.99 -9.39
N VAL A 131 4.17 -12.57 -9.58
CA VAL A 131 2.89 -11.91 -9.32
C VAL A 131 2.07 -12.89 -8.49
N ILE A 132 1.59 -12.42 -7.34
CA ILE A 132 0.83 -13.26 -6.42
C ILE A 132 -0.41 -12.50 -5.98
N LEU A 133 -1.52 -13.21 -5.87
CA LEU A 133 -2.79 -12.63 -5.43
C LEU A 133 -3.07 -13.06 -3.99
N PRO A 134 -3.93 -12.32 -3.28
CA PRO A 134 -4.26 -12.70 -1.90
C PRO A 134 -4.92 -14.08 -1.86
N SER A 135 -4.38 -14.94 -1.01
CA SER A 135 -4.91 -16.28 -0.85
C SER A 135 -4.21 -16.96 0.31
N PRO A 136 -4.91 -17.81 1.08
CA PRO A 136 -4.21 -18.59 2.12
C PRO A 136 -3.32 -19.69 1.55
N GLU A 137 -3.45 -20.00 0.26
CA GLU A 137 -2.62 -21.03 -0.34
C GLU A 137 -1.18 -20.53 -0.46
N TRP A 138 -0.24 -21.40 -0.13
CA TRP A 138 1.18 -21.07 -0.20
C TRP A 138 1.74 -21.39 -1.58
N LYS A 139 2.69 -20.58 -2.01
CA LYS A 139 3.51 -20.89 -3.17
C LYS A 139 4.86 -21.40 -2.67
N THR A 140 5.16 -22.66 -2.93
CA THR A 140 6.40 -23.27 -2.49
C THR A 140 7.50 -22.97 -3.51
N LEU A 141 8.64 -22.50 -3.02
CA LEU A 141 9.79 -22.19 -3.86
C LEU A 141 10.99 -22.96 -3.34
N ASP A 142 11.86 -23.36 -4.26
CA ASP A 142 12.98 -24.22 -3.92
C ASP A 142 14.21 -23.74 -4.68
N HIS A 143 15.26 -23.40 -3.93
CA HIS A 143 16.50 -22.86 -4.48
C HIS A 143 17.61 -23.86 -4.19
N ILE A 144 18.14 -24.47 -5.24
CA ILE A 144 19.29 -25.36 -5.14
C ILE A 144 20.51 -24.53 -5.52
N GLY A 145 21.13 -23.90 -4.52
CA GLY A 145 22.28 -23.04 -4.74
C GLY A 145 23.60 -23.79 -4.76
N ARG A 146 24.67 -23.03 -4.99
CA ARG A 146 26.01 -23.62 -5.02
C ARG A 146 26.38 -24.20 -3.65
N ASN A 147 25.96 -23.54 -2.57
CA ASN A 147 26.34 -23.93 -1.21
C ASN A 147 25.22 -24.61 -0.44
N ALA A 148 24.03 -24.02 -0.42
CA ALA A 148 22.93 -24.59 0.34
C ALA A 148 21.67 -24.67 -0.52
N ARG A 149 20.79 -25.58 -0.16
CA ARG A 149 19.45 -25.67 -0.72
C ARG A 149 18.47 -25.09 0.28
N ILE A 150 17.69 -24.11 -0.14
CA ILE A 150 16.67 -23.48 0.69
C ILE A 150 15.31 -23.75 0.05
N THR A 151 14.43 -24.38 0.82
CA THR A 151 13.02 -24.53 0.45
C THR A 151 12.20 -23.61 1.34
N TYR A 152 11.35 -22.79 0.73
CA TYR A 152 10.54 -21.83 1.48
C TYR A 152 9.22 -21.63 0.76
N ARG A 153 8.32 -20.88 1.38
CA ARG A 153 7.01 -20.66 0.79
C ARG A 153 6.51 -19.27 1.12
N VAL A 154 5.69 -18.72 0.22
CA VAL A 154 5.22 -17.35 0.35
C VAL A 154 3.73 -17.29 0.07
N ARG A 155 3.08 -16.30 0.66
CA ARG A 155 1.69 -16.01 0.37
C ARG A 155 1.42 -14.57 0.78
N VAL A 156 0.29 -14.06 0.30
CA VAL A 156 -0.23 -12.76 0.69
C VAL A 156 -1.63 -12.96 1.22
N GLN A 157 -1.95 -12.30 2.33
CA GLN A 157 -3.26 -12.37 2.95
C GLN A 157 -3.70 -10.96 3.29
N CYS A 158 -4.97 -10.66 3.02
CA CYS A 158 -5.56 -9.39 3.44
C CYS A 158 -5.68 -9.33 4.96
N ALA A 159 -5.66 -8.12 5.49
CA ALA A 159 -5.99 -7.94 6.90
C ALA A 159 -7.44 -8.36 7.12
N VAL A 160 -7.76 -8.70 8.37
CA VAL A 160 -9.11 -9.14 8.69
C VAL A 160 -10.12 -8.08 8.31
N THR A 161 -11.25 -8.52 7.75
CA THR A 161 -12.37 -7.70 7.29
C THR A 161 -12.06 -7.04 5.95
N TYR A 162 -11.02 -7.44 5.24
CA TYR A 162 -10.69 -6.89 3.94
C TYR A 162 -10.52 -8.00 2.92
N TYR A 163 -10.95 -7.71 1.69
CA TYR A 163 -11.14 -8.69 0.63
C TYR A 163 -10.74 -8.05 -0.70
N ASN A 164 -10.92 -8.80 -1.81
CA ASN A 164 -10.64 -8.30 -3.17
C ASN A 164 -9.15 -8.47 -3.45
N THR A 165 -8.77 -8.45 -4.73
CA THR A 165 -7.36 -8.62 -5.11
C THR A 165 -6.50 -7.51 -4.54
N THR A 166 -7.11 -6.40 -4.17
CA THR A 166 -6.40 -5.24 -3.65
C THR A 166 -6.35 -5.23 -2.14
N CYS A 167 -7.06 -6.13 -1.48
CA CYS A 167 -7.15 -6.15 -0.03
C CYS A 167 -7.66 -4.81 0.52
N THR A 168 -8.52 -4.13 -0.23
CA THR A 168 -9.09 -2.86 0.24
C THR A 168 -10.61 -2.85 0.27
N THR A 169 -11.28 -3.96 0.00
CA THR A 169 -12.74 -4.01 0.07
C THR A 169 -13.14 -4.48 1.47
N PHE A 170 -13.86 -3.63 2.19
CA PHE A 170 -14.24 -3.92 3.57
C PHE A 170 -15.56 -4.67 3.63
N CYS A 171 -15.61 -5.70 4.47
CA CYS A 171 -16.86 -6.38 4.73
C CYS A 171 -16.77 -7.06 6.09
N ARG A 172 -17.84 -6.95 6.87
CA ARG A 172 -17.96 -7.59 8.17
C ARG A 172 -19.35 -8.18 8.24
N PRO A 173 -19.50 -9.51 8.34
CA PRO A 173 -20.84 -10.10 8.30
C PRO A 173 -21.67 -9.67 9.50
N ARG A 174 -23.00 -9.63 9.28
CA ARG A 174 -23.93 -9.10 10.26
C ARG A 174 -25.20 -9.94 10.27
N ASP A 175 -25.81 -10.06 11.46
CA ASP A 175 -27.07 -10.80 11.61
C ASP A 175 -27.85 -10.21 12.79
N ASP A 176 -28.34 -8.98 12.59
CA ASP A 176 -29.08 -8.27 13.63
C ASP A 176 -30.02 -7.29 12.93
N GLN A 177 -30.58 -6.36 13.71
CA GLN A 177 -31.59 -5.46 13.17
C GLN A 177 -31.06 -4.60 12.05
N PHE A 178 -29.76 -4.30 12.04
CA PHE A 178 -29.18 -3.37 11.08
C PHE A 178 -28.73 -4.04 9.79
N GLY A 179 -28.68 -5.37 9.75
CA GLY A 179 -28.33 -6.07 8.53
C GLY A 179 -28.26 -7.57 8.71
N HIS A 180 -28.49 -8.31 7.63
CA HIS A 180 -28.42 -9.79 7.64
C HIS A 180 -27.66 -10.21 6.38
N TYR A 181 -26.35 -10.38 6.50
CA TYR A 181 -25.56 -10.70 5.32
C TYR A 181 -24.24 -11.34 5.71
N ALA A 182 -23.78 -12.21 4.81
CA ALA A 182 -22.44 -12.77 4.84
C ALA A 182 -21.56 -11.96 3.91
N CYS A 183 -20.27 -12.26 3.90
CA CYS A 183 -19.28 -11.60 3.06
C CYS A 183 -18.84 -12.56 1.96
N GLY A 184 -18.91 -12.08 0.72
CA GLY A 184 -18.49 -12.87 -0.42
C GLY A 184 -16.98 -13.01 -0.47
N SER A 185 -16.50 -13.64 -1.55
CA SER A 185 -15.08 -13.86 -1.69
C SER A 185 -14.29 -12.60 -1.99
N GLU A 186 -14.95 -11.57 -2.52
CA GLU A 186 -14.32 -10.28 -2.75
C GLU A 186 -14.89 -9.18 -1.85
N GLY A 187 -15.58 -9.56 -0.78
CA GLY A 187 -16.14 -8.60 0.14
C GLY A 187 -17.53 -8.11 -0.21
N GLN A 188 -18.26 -8.81 -1.07
CA GLN A 188 -19.62 -8.43 -1.38
C GLN A 188 -20.55 -8.80 -0.24
N LYS A 189 -21.51 -7.93 0.05
CA LYS A 189 -22.57 -8.26 0.99
C LYS A 189 -23.49 -9.30 0.35
N LEU A 190 -23.55 -10.48 0.94
CA LEU A 190 -24.39 -11.57 0.44
C LEU A 190 -25.59 -11.67 1.39
N CYS A 191 -26.73 -11.11 0.97
CA CYS A 191 -27.89 -11.10 1.85
C CYS A 191 -28.26 -12.52 2.25
N LEU A 192 -28.56 -12.70 3.54
CA LEU A 192 -29.11 -13.97 3.98
C LEU A 192 -30.49 -14.17 3.36
N ASN A 193 -30.92 -15.42 3.28
CA ASN A 193 -32.15 -15.74 2.57
C ASN A 193 -33.32 -14.94 3.16
N GLY A 194 -34.06 -14.26 2.28
CA GLY A 194 -35.20 -13.47 2.69
C GLY A 194 -34.90 -12.03 3.04
N TRP A 195 -33.74 -11.51 2.67
CA TRP A 195 -33.38 -10.13 2.96
C TRP A 195 -32.87 -9.44 1.70
N GLN A 196 -33.02 -8.12 1.69
CA GLN A 196 -32.59 -7.30 0.56
C GLN A 196 -32.27 -5.91 1.09
N GLY A 197 -31.77 -5.06 0.21
CA GLY A 197 -31.43 -3.69 0.55
C GLY A 197 -29.92 -3.47 0.55
N VAL A 198 -29.53 -2.22 0.83
CA VAL A 198 -28.12 -1.86 0.79
C VAL A 198 -27.35 -2.59 1.89
N ASN A 199 -27.95 -2.71 3.08
CA ASN A 199 -27.36 -3.45 4.17
C ASN A 199 -28.11 -4.74 4.47
N CYS A 200 -28.89 -5.23 3.50
CA CYS A 200 -29.70 -6.44 3.69
C CYS A 200 -30.52 -6.32 4.96
N GLU A 201 -31.09 -5.13 5.19
CA GLU A 201 -31.89 -4.85 6.37
C GLU A 201 -33.38 -4.94 6.12
N GLU A 202 -33.81 -5.16 4.87
CA GLU A 202 -35.22 -5.18 4.52
C GLU A 202 -35.69 -6.62 4.36
N ALA A 203 -36.68 -7.02 5.14
CA ALA A 203 -37.26 -8.34 4.97
C ALA A 203 -38.06 -8.41 3.67
N ILE A 204 -37.96 -9.55 2.99
CA ILE A 204 -38.73 -9.82 1.78
C ILE A 204 -40.05 -10.44 2.22
N CYS A 205 -41.15 -9.70 2.01
CA CYS A 205 -42.43 -10.11 2.54
C CYS A 205 -43.06 -11.24 1.69
N LYS A 206 -44.10 -11.85 2.26
CA LYS A 206 -44.86 -12.91 1.61
C LYS A 206 -45.16 -12.60 0.16
N ALA A 207 -45.20 -13.64 -0.69
CA ALA A 207 -45.55 -13.43 -2.09
C ALA A 207 -46.99 -12.95 -2.20
N GLY A 208 -47.18 -11.84 -2.91
CA GLY A 208 -48.48 -11.22 -3.03
C GLY A 208 -48.78 -10.17 -2.00
N CYS A 209 -47.93 -10.00 -1.00
CA CYS A 209 -48.16 -8.97 0.01
C CYS A 209 -48.17 -7.59 -0.65
N ASP A 210 -49.24 -6.84 -0.41
CA ASP A 210 -49.40 -5.53 -1.03
C ASP A 210 -48.19 -4.65 -0.75
N PRO A 211 -47.51 -4.13 -1.78
CA PRO A 211 -46.29 -3.36 -1.53
C PRO A 211 -46.52 -2.06 -0.78
N VAL A 212 -47.72 -1.49 -0.84
CA VAL A 212 -48.02 -0.21 -0.21
C VAL A 212 -48.63 -0.39 1.18
N HIS A 213 -49.61 -1.28 1.31
CA HIS A 213 -50.38 -1.43 2.55
C HIS A 213 -49.96 -2.65 3.35
N GLY A 214 -48.91 -3.34 2.92
CA GLY A 214 -48.38 -4.45 3.68
C GLY A 214 -46.93 -4.17 4.05
N LYS A 215 -46.50 -4.77 5.15
CA LYS A 215 -45.14 -4.62 5.64
C LYS A 215 -44.71 -5.95 6.26
N CYS A 216 -43.44 -6.04 6.63
CA CYS A 216 -42.92 -7.21 7.32
C CYS A 216 -41.61 -6.86 8.00
N ASP A 217 -41.45 -7.34 9.24
CA ASP A 217 -40.21 -7.23 9.98
C ASP A 217 -39.38 -8.50 9.91
N ARG A 218 -39.98 -9.61 9.51
CA ARG A 218 -39.33 -10.90 9.33
C ARG A 218 -39.69 -11.45 7.97
N PRO A 219 -38.79 -12.19 7.31
CA PRO A 219 -39.06 -12.62 5.94
C PRO A 219 -40.26 -13.55 5.85
N GLY A 220 -41.02 -13.41 4.76
CA GLY A 220 -42.14 -14.27 4.48
C GLY A 220 -43.42 -13.94 5.18
N GLU A 221 -43.47 -12.82 5.90
CA GLU A 221 -44.66 -12.40 6.64
C GLU A 221 -45.31 -11.23 5.92
N CYS A 222 -46.55 -10.92 6.33
CA CYS A 222 -47.29 -9.80 5.76
C CYS A 222 -48.16 -9.20 6.87
N GLU A 223 -47.71 -8.08 7.42
CA GLU A 223 -48.43 -7.34 8.45
C GLU A 223 -49.06 -6.11 7.81
N CYS A 224 -50.30 -5.82 8.17
CA CYS A 224 -51.06 -4.79 7.47
C CYS A 224 -50.90 -3.42 8.14
N ARG A 225 -50.80 -2.39 7.31
CA ARG A 225 -50.85 -1.03 7.80
C ARG A 225 -52.28 -0.72 8.24
N PRO A 226 -52.47 0.35 9.01
CA PRO A 226 -53.79 0.64 9.57
C PRO A 226 -54.88 0.72 8.50
N GLY A 227 -55.99 0.04 8.77
CA GLY A 227 -57.13 0.09 7.88
C GLY A 227 -57.06 -0.85 6.70
N TRP A 228 -56.17 -1.83 6.73
CA TRP A 228 -56.05 -2.82 5.68
C TRP A 228 -55.99 -4.21 6.32
N ARG A 229 -56.41 -5.22 5.57
CA ARG A 229 -56.54 -6.55 6.14
C ARG A 229 -56.46 -7.59 5.02
N GLY A 230 -56.57 -8.86 5.42
CA GLY A 230 -56.41 -9.97 4.50
C GLY A 230 -55.01 -10.55 4.60
N PRO A 231 -54.84 -11.80 4.14
CA PRO A 231 -53.50 -12.40 4.21
C PRO A 231 -52.44 -11.60 3.47
N LEU A 232 -52.84 -10.81 2.48
CA LEU A 232 -51.91 -10.02 1.69
C LEU A 232 -52.08 -8.52 1.92
N CYS A 233 -52.91 -8.13 2.89
CA CYS A 233 -53.07 -6.72 3.26
C CYS A 233 -53.48 -5.86 2.06
N ASN A 234 -54.29 -6.43 1.17
CA ASN A 234 -54.75 -5.72 -0.01
C ASN A 234 -56.25 -5.41 0.04
N GLU A 235 -56.88 -5.53 1.21
CA GLU A 235 -58.31 -5.28 1.36
C GLU A 235 -58.52 -4.17 2.38
N CYS A 236 -59.06 -3.04 1.92
CA CYS A 236 -59.32 -1.91 2.82
C CYS A 236 -60.53 -2.21 3.70
N MET A 237 -60.56 -1.55 4.87
CA MET A 237 -61.64 -1.70 5.83
C MET A 237 -62.58 -0.52 5.64
N VAL A 238 -63.87 -0.82 5.43
CA VAL A 238 -64.87 0.22 5.28
C VAL A 238 -65.13 0.88 6.63
N TYR A 239 -65.51 2.15 6.59
CA TYR A 239 -65.83 2.87 7.82
C TYR A 239 -66.96 2.16 8.57
N PRO A 240 -66.84 1.99 9.89
CA PRO A 240 -67.90 1.29 10.63
C PRO A 240 -69.24 1.99 10.43
N GLY A 241 -70.25 1.20 10.08
CA GLY A 241 -71.58 1.72 9.81
C GLY A 241 -71.90 1.88 8.35
N CYS A 242 -70.92 1.72 7.46
CA CYS A 242 -71.17 1.90 6.03
C CYS A 242 -72.14 0.84 5.52
N LYS A 243 -73.15 1.28 4.78
CA LYS A 243 -74.17 0.38 4.27
C LYS A 243 -73.91 0.08 2.80
N HIS A 244 -74.53 0.83 1.88
CA HIS A 244 -74.37 0.57 0.44
C HIS A 244 -73.17 1.34 -0.10
N GLY A 245 -71.99 0.92 0.35
CA GLY A 245 -70.77 1.60 -0.03
C GLY A 245 -69.57 0.72 0.18
N SER A 246 -68.41 1.24 -0.24
CA SER A 246 -67.14 0.53 -0.16
C SER A 246 -66.05 1.56 0.09
N CYS A 247 -64.86 1.06 0.51
CA CYS A 247 -63.77 1.97 0.85
C CYS A 247 -63.05 2.54 -0.38
N ASN A 248 -63.19 1.93 -1.54
CA ASN A 248 -62.59 2.45 -2.77
C ASN A 248 -61.08 2.63 -2.63
N GLY A 249 -60.43 1.61 -2.06
CA GLY A 249 -58.98 1.62 -1.99
C GLY A 249 -58.38 2.61 -1.01
N SER A 250 -59.18 3.13 -0.07
CA SER A 250 -58.71 4.04 0.96
C SER A 250 -59.27 3.60 2.30
N ALA A 251 -58.38 3.45 3.28
CA ALA A 251 -58.75 2.94 4.59
C ALA A 251 -59.86 3.78 5.21
N TRP A 252 -60.86 3.10 5.77
CA TRP A 252 -61.90 3.72 6.59
C TRP A 252 -62.73 4.75 5.83
N LYS A 253 -63.05 4.46 4.57
CA LYS A 253 -63.92 5.32 3.79
C LYS A 253 -65.21 4.56 3.48
N CYS A 254 -66.22 5.32 3.04
CA CYS A 254 -67.54 4.80 2.71
C CYS A 254 -67.98 5.54 1.44
N VAL A 255 -67.52 5.05 0.29
CA VAL A 255 -67.88 5.62 -1.01
C VAL A 255 -69.09 4.88 -1.53
N CYS A 256 -70.13 5.62 -1.87
CA CYS A 256 -71.44 5.03 -2.09
C CYS A 256 -71.52 4.30 -3.42
N ASP A 257 -72.33 3.23 -3.42
CA ASP A 257 -72.76 2.61 -4.67
C ASP A 257 -73.73 3.54 -5.38
N THR A 258 -73.98 3.24 -6.65
CA THR A 258 -74.85 4.08 -7.46
C THR A 258 -76.23 4.14 -6.85
N ASN A 259 -76.79 5.35 -6.82
CA ASN A 259 -78.13 5.62 -6.29
C ASN A 259 -78.20 5.47 -4.77
N TRP A 260 -77.08 5.72 -4.08
CA TRP A 260 -77.05 5.79 -2.63
C TRP A 260 -76.21 6.98 -2.23
N GLY A 261 -76.60 7.62 -1.13
CA GLY A 261 -75.93 8.82 -0.65
C GLY A 261 -75.86 8.82 0.86
N GLY A 262 -75.19 9.86 1.39
CA GLY A 262 -74.96 9.99 2.81
C GLY A 262 -73.54 9.59 3.19
N ILE A 263 -73.14 10.02 4.39
CA ILE A 263 -71.82 9.68 4.90
C ILE A 263 -71.69 8.17 5.10
N LEU A 264 -72.79 7.49 5.41
CA LEU A 264 -72.79 6.04 5.53
C LEU A 264 -73.50 5.34 4.39
N CYS A 265 -73.86 6.07 3.33
CA CYS A 265 -74.42 5.48 2.12
C CYS A 265 -75.66 4.65 2.44
N ASP A 266 -76.58 5.25 3.19
CA ASP A 266 -77.83 4.58 3.57
C ASP A 266 -79.06 5.36 3.14
N GLN A 267 -78.91 6.32 2.23
CA GLN A 267 -80.01 7.14 1.75
C GLN A 267 -80.28 6.76 0.30
N ASP A 268 -81.39 6.06 0.08
CA ASP A 268 -81.79 5.74 -1.29
C ASP A 268 -82.08 7.04 -2.02
N LEU A 269 -81.37 7.26 -3.13
CA LEU A 269 -81.53 8.50 -3.89
C LEU A 269 -82.63 8.37 -4.95
N ASN A 270 -82.96 7.16 -5.36
CA ASN A 270 -84.06 6.92 -6.28
C ASN A 270 -84.05 5.45 -6.74
N ALA B 1 6.28 4.54 -2.62
CA ALA B 1 6.02 4.68 -1.19
C ALA B 1 5.82 6.14 -0.82
N GLY B 2 5.11 6.37 0.27
CA GLY B 2 4.87 7.71 0.76
C GLY B 2 3.81 7.72 1.84
N ASN B 3 3.29 8.91 2.14
CA ASN B 3 2.33 9.08 3.21
C ASN B 3 1.23 10.06 2.83
N PHE B 4 0.02 9.78 3.29
CA PHE B 4 -1.07 10.75 3.34
C PHE B 4 -0.98 11.44 4.70
N GLU B 5 -0.89 12.77 4.69
CA GLU B 5 -0.72 13.55 5.90
C GLU B 5 -1.95 14.44 6.14
N LEU B 6 -2.40 14.49 7.39
CA LEU B 6 -3.49 15.36 7.81
C LEU B 6 -3.05 16.11 9.06
N GLU B 7 -3.15 17.43 9.02
CA GLU B 7 -2.78 18.28 10.15
C GLU B 7 -3.98 19.11 10.55
N ILE B 8 -4.38 18.99 11.82
CA ILE B 8 -5.41 19.86 12.36
C ILE B 8 -4.85 21.26 12.52
N LEU B 9 -5.64 22.26 12.11
CA LEU B 9 -5.25 23.66 12.23
C LEU B 9 -6.01 24.38 13.32
N GLU B 10 -7.30 24.13 13.46
CA GLU B 10 -8.11 24.80 14.47
C GLU B 10 -9.40 24.01 14.70
N ILE B 11 -9.90 24.08 15.92
CA ILE B 11 -11.25 23.66 16.24
C ILE B 11 -11.89 24.77 17.06
N SER B 12 -13.14 25.09 16.75
CA SER B 12 -13.91 26.09 17.47
C SER B 12 -15.15 25.39 18.01
N ASN B 13 -15.14 25.13 19.31
CA ASN B 13 -16.26 24.54 20.04
C ASN B 13 -16.47 25.43 21.27
N THR B 14 -17.00 26.63 21.04
CA THR B 14 -16.94 27.68 22.05
C THR B 14 -17.73 27.33 23.31
N ASN B 15 -18.81 26.56 23.17
CA ASN B 15 -19.66 26.23 24.31
C ASN B 15 -19.36 24.85 24.90
N SER B 16 -18.30 24.18 24.43
CA SER B 16 -17.85 22.90 24.99
C SER B 16 -18.98 21.84 25.00
N HIS B 17 -19.68 21.74 23.88
CA HIS B 17 -20.73 20.75 23.71
C HIS B 17 -20.22 19.54 22.94
N LEU B 18 -21.01 18.47 23.01
CA LEU B 18 -20.85 17.31 22.13
C LEU B 18 -21.80 17.45 20.95
N LEU B 19 -21.65 16.57 19.96
CA LEU B 19 -22.53 16.66 18.80
C LEU B 19 -23.98 16.39 19.16
N ASN B 20 -24.22 15.50 20.14
CA ASN B 20 -25.58 15.22 20.59
C ASN B 20 -26.16 16.34 21.45
N GLY B 21 -25.43 17.44 21.65
CA GLY B 21 -25.92 18.60 22.36
C GLY B 21 -25.71 18.60 23.86
N TYR B 22 -25.20 17.52 24.44
CA TYR B 22 -24.87 17.50 25.85
C TYR B 22 -23.47 18.09 26.06
N CYS B 23 -23.06 18.18 27.33
CA CYS B 23 -21.77 18.80 27.63
C CYS B 23 -20.64 17.78 27.49
N CYS B 24 -19.45 18.29 27.20
CA CYS B 24 -18.25 17.48 27.32
C CYS B 24 -17.97 17.20 28.79
N GLY B 25 -17.03 16.30 29.03
CA GLY B 25 -16.60 16.04 30.39
C GLY B 25 -17.73 15.54 31.28
N MET B 26 -17.56 15.76 32.58
CA MET B 26 -18.51 15.29 33.59
C MET B 26 -19.75 16.17 33.59
N PRO B 27 -20.95 15.57 33.74
CA PRO B 27 -22.16 16.38 33.91
C PRO B 27 -22.02 17.35 35.07
N ALA B 28 -22.54 18.57 34.86
CA ALA B 28 -22.36 19.63 35.86
C ALA B 28 -23.08 19.29 37.17
N GLU B 29 -24.14 18.48 37.12
CA GLU B 29 -24.82 18.11 38.35
C GLU B 29 -23.97 17.17 39.20
N LEU B 30 -23.16 16.32 38.57
CA LEU B 30 -22.31 15.39 39.29
C LEU B 30 -20.97 16.00 39.66
N ARG B 31 -20.71 17.23 39.22
CA ARG B 31 -19.45 17.91 39.47
C ARG B 31 -19.56 18.68 40.78
N ALA B 32 -18.53 18.56 41.63
CA ALA B 32 -18.54 19.20 42.95
C ALA B 32 -17.61 20.42 42.97
N THR B 33 -17.84 21.36 42.05
CA THR B 33 -17.00 22.55 41.92
C THR B 33 -17.88 23.77 41.75
N LYS B 34 -17.27 24.94 41.87
CA LYS B 34 -17.98 26.20 41.65
C LYS B 34 -18.06 26.57 40.17
N THR B 35 -17.59 25.69 39.28
CA THR B 35 -17.64 25.94 37.84
C THR B 35 -19.07 26.11 37.36
N ILE B 36 -19.27 27.04 36.43
CA ILE B 36 -20.57 27.31 35.81
C ILE B 36 -20.50 26.95 34.34
N GLY B 37 -21.52 26.23 33.85
CA GLY B 37 -21.58 25.84 32.46
C GLY B 37 -20.96 24.48 32.21
N CYS B 38 -20.80 24.17 30.92
CA CYS B 38 -20.26 22.88 30.53
C CYS B 38 -18.79 22.78 30.91
N SER B 39 -18.37 21.57 31.27
CA SER B 39 -16.95 21.33 31.48
C SER B 39 -16.23 21.33 30.14
N PRO B 40 -14.94 21.63 30.13
CA PRO B 40 -14.22 21.69 28.85
C PRO B 40 -14.09 20.32 28.21
N CYS B 41 -14.08 20.31 26.88
CA CYS B 41 -13.76 19.10 26.14
C CYS B 41 -12.26 18.81 26.23
N THR B 42 -11.92 17.54 26.03
CA THR B 42 -10.55 17.05 25.94
C THR B 42 -10.40 16.46 24.54
N THR B 43 -10.16 17.34 23.56
CA THR B 43 -10.36 16.99 22.16
C THR B 43 -9.16 16.26 21.55
N ALA B 44 -9.45 15.12 20.94
CA ALA B 44 -8.53 14.44 20.04
C ALA B 44 -9.26 14.20 18.72
N PHE B 45 -8.52 13.73 17.72
CA PHE B 45 -9.05 13.56 16.37
C PHE B 45 -8.71 12.19 15.82
N ARG B 46 -9.70 11.58 15.18
CA ARG B 46 -9.59 10.26 14.55
C ARG B 46 -9.74 10.44 13.03
N LEU B 47 -8.75 9.96 12.28
CA LEU B 47 -8.80 9.96 10.82
C LEU B 47 -9.03 8.55 10.30
N CYS B 48 -10.04 8.41 9.44
CA CYS B 48 -10.35 7.17 8.74
C CYS B 48 -10.17 7.43 7.26
N LEU B 49 -9.21 6.75 6.63
CA LEU B 49 -8.91 6.91 5.21
C LEU B 49 -9.32 5.65 4.46
N LYS B 50 -9.88 5.81 3.26
CA LYS B 50 -10.40 4.66 2.54
C LYS B 50 -10.47 4.97 1.05
N GLU B 51 -10.88 3.96 0.28
CA GLU B 51 -11.04 4.14 -1.16
C GLU B 51 -12.14 5.13 -1.43
N TYR B 52 -12.01 5.87 -2.53
CA TYR B 52 -13.03 6.83 -2.93
C TYR B 52 -14.39 6.18 -2.98
N GLN B 53 -15.32 6.71 -2.17
CA GLN B 53 -16.67 6.16 -2.07
C GLN B 53 -17.56 7.34 -1.74
N THR B 54 -18.35 7.81 -2.69
CA THR B 54 -19.14 9.03 -2.52
C THR B 54 -20.61 8.67 -2.25
N THR B 55 -20.83 8.10 -1.07
CA THR B 55 -22.14 7.72 -0.62
C THR B 55 -22.22 8.02 0.87
N GLU B 56 -23.44 8.04 1.41
CA GLU B 56 -23.56 8.27 2.85
C GLU B 56 -22.90 7.12 3.60
N GLN B 57 -23.03 5.90 3.07
CA GLN B 57 -22.40 4.75 3.71
C GLN B 57 -20.89 4.83 3.60
N GLY B 58 -20.37 5.44 2.53
CA GLY B 58 -18.94 5.62 2.43
C GLY B 58 -18.39 6.61 3.43
N ALA B 59 -19.22 7.57 3.86
CA ALA B 59 -18.82 8.57 4.84
C ALA B 59 -19.02 8.12 6.27
N SER B 60 -19.24 6.83 6.49
CA SER B 60 -19.30 6.26 7.84
C SER B 60 -18.05 5.42 8.08
N ILE B 61 -17.61 5.38 9.34
CA ILE B 61 -16.51 4.48 9.70
C ILE B 61 -16.97 3.05 9.82
N SER B 62 -18.27 2.80 9.61
CA SER B 62 -18.79 1.44 9.61
C SER B 62 -18.44 0.72 8.32
N THR B 63 -18.24 1.46 7.23
CA THR B 63 -17.78 0.87 5.97
C THR B 63 -16.27 0.67 5.94
N GLY B 64 -15.57 0.86 7.06
CA GLY B 64 -14.17 0.53 7.16
C GLY B 64 -13.23 1.66 6.83
N CYS B 65 -11.94 1.42 7.09
CA CYS B 65 -10.86 2.36 6.80
C CYS B 65 -9.76 1.61 6.04
N SER B 66 -10.00 1.34 4.75
CA SER B 66 -9.10 0.46 4.01
C SER B 66 -7.69 1.04 3.90
N PHE B 67 -7.56 2.36 3.82
CA PHE B 67 -6.25 2.99 3.65
C PHE B 67 -5.56 3.31 4.96
N GLY B 68 -6.19 3.01 6.10
CA GLY B 68 -5.55 3.22 7.39
C GLY B 68 -6.38 4.06 8.33
N ASN B 69 -6.04 4.02 9.62
CA ASN B 69 -6.71 4.90 10.56
C ASN B 69 -5.78 5.18 11.73
N ALA B 70 -5.92 6.38 12.28
CA ALA B 70 -5.11 6.83 13.38
C ALA B 70 -5.90 7.82 14.23
N THR B 71 -5.50 7.95 15.49
CA THR B 71 -6.11 8.88 16.42
C THR B 71 -4.99 9.72 17.04
N THR B 72 -5.15 11.03 17.01
CA THR B 72 -4.15 11.90 17.62
C THR B 72 -4.17 11.76 19.14
N LYS B 73 -3.13 12.30 19.76
CA LYS B 73 -3.17 12.60 21.18
C LYS B 73 -4.19 13.71 21.41
N ILE B 74 -4.48 13.97 22.69
CA ILE B 74 -5.28 15.15 23.01
C ILE B 74 -4.50 16.38 22.58
N LEU B 75 -5.10 17.18 21.70
CA LEU B 75 -4.42 18.36 21.16
C LEU B 75 -4.77 19.64 21.91
N GLY B 76 -5.85 19.64 22.68
CA GLY B 76 -6.20 20.80 23.47
C GLY B 76 -7.57 20.65 24.07
N GLY B 77 -8.16 21.78 24.44
CA GLY B 77 -9.46 21.79 25.06
C GLY B 77 -10.60 21.89 24.08
N SER B 78 -11.59 22.72 24.39
CA SER B 78 -12.77 22.84 23.53
C SER B 78 -12.44 23.56 22.22
N SER B 79 -11.75 24.69 22.30
CA SER B 79 -11.34 25.44 21.11
C SER B 79 -9.85 25.76 21.19
N PHE B 80 -9.16 25.64 20.07
CA PHE B 80 -7.74 25.99 20.03
C PHE B 80 -7.29 26.14 18.59
N VAL B 81 -6.27 26.97 18.40
CA VAL B 81 -5.53 27.09 17.15
C VAL B 81 -4.13 26.57 17.38
N LEU B 82 -3.71 25.61 16.55
CA LEU B 82 -2.41 24.98 16.71
C LEU B 82 -1.34 25.82 16.00
N SER B 83 -0.38 26.33 16.77
CA SER B 83 0.69 27.12 16.17
C SER B 83 1.60 26.27 15.30
N ASP B 84 1.83 25.01 15.70
CA ASP B 84 2.67 24.07 14.97
C ASP B 84 1.86 22.82 14.67
N PRO B 85 1.10 22.81 13.57
CA PRO B 85 0.26 21.64 13.28
C PRO B 85 1.02 20.35 13.11
N GLY B 86 2.32 20.41 12.77
CA GLY B 86 3.06 19.20 12.47
C GLY B 86 3.25 18.26 13.63
N VAL B 87 3.22 18.76 14.87
CA VAL B 87 3.55 17.92 16.01
C VAL B 87 2.48 16.85 16.25
N GLY B 88 1.22 17.18 15.98
CA GLY B 88 0.15 16.22 16.14
C GLY B 88 -0.42 15.75 14.82
N ALA B 89 0.40 15.80 13.79
CA ALA B 89 -0.03 15.39 12.46
C ALA B 89 -0.35 13.89 12.45
N ILE B 90 -1.32 13.52 11.61
CA ILE B 90 -1.65 12.12 11.35
C ILE B 90 -0.97 11.73 10.05
N VAL B 91 -0.16 10.68 10.10
CA VAL B 91 0.58 10.22 8.93
C VAL B 91 0.17 8.78 8.66
N LEU B 92 -0.48 8.54 7.53
CA LEU B 92 -0.89 7.20 7.13
C LEU B 92 -0.05 6.75 5.94
N PRO B 93 0.85 5.78 6.11
CA PRO B 93 1.71 5.38 4.99
C PRO B 93 1.00 4.54 3.94
N PHE B 94 1.46 4.68 2.69
CA PHE B 94 1.12 3.73 1.64
C PHE B 94 2.43 3.06 1.24
N THR B 95 2.36 1.75 1.00
CA THR B 95 3.57 0.97 0.83
C THR B 95 4.17 1.16 -0.55
N PHE B 96 3.35 1.39 -1.56
CA PHE B 96 3.88 1.53 -2.92
C PHE B 96 3.14 2.62 -3.69
N ARG B 97 2.04 2.26 -4.36
CA ARG B 97 1.36 3.19 -5.25
C ARG B 97 0.35 4.05 -4.52
N TRP B 98 0.46 5.37 -4.69
CA TRP B 98 -0.59 6.28 -4.24
C TRP B 98 -1.78 6.17 -5.19
N THR B 99 -2.98 6.08 -4.60
CA THR B 99 -4.20 5.84 -5.37
C THR B 99 -4.75 7.09 -6.04
N LYS B 100 -4.37 8.28 -5.58
CA LYS B 100 -4.87 9.56 -6.09
C LYS B 100 -6.29 9.85 -5.58
N SER B 101 -7.24 8.97 -5.87
CA SER B 101 -8.60 9.11 -5.34
C SER B 101 -8.68 8.52 -3.94
N PHE B 102 -9.46 9.16 -3.07
CA PHE B 102 -9.58 8.72 -1.68
C PHE B 102 -10.84 9.32 -1.07
N THR B 103 -11.25 8.76 0.05
CA THR B 103 -12.29 9.33 0.90
C THR B 103 -11.77 9.32 2.32
N LEU B 104 -11.88 10.45 3.02
CA LEU B 104 -11.48 10.54 4.41
C LEU B 104 -12.69 10.87 5.28
N ILE B 105 -12.64 10.40 6.53
CA ILE B 105 -13.58 10.76 7.59
C ILE B 105 -12.73 11.26 8.76
N LEU B 106 -13.04 12.48 9.22
CA LEU B 106 -12.35 13.09 10.35
C LEU B 106 -13.35 13.30 11.48
N GLN B 107 -13.06 12.76 12.65
CA GLN B 107 -13.89 12.93 13.83
C GLN B 107 -13.13 13.67 14.91
N ALA B 108 -13.81 14.56 15.60
CA ALA B 108 -13.31 15.17 16.83
C ALA B 108 -13.97 14.44 18.00
N LEU B 109 -13.17 14.03 18.97
CA LEU B 109 -13.63 13.16 20.05
C LEU B 109 -13.30 13.77 21.40
N ASP B 110 -14.25 13.67 22.33
CA ASP B 110 -14.07 14.07 23.72
C ASP B 110 -13.46 12.89 24.47
N MET B 111 -12.23 13.05 24.94
CA MET B 111 -11.48 11.96 25.57
C MET B 111 -11.68 11.93 27.09
N TYR B 112 -12.94 11.97 27.54
CA TYR B 112 -13.28 11.81 28.95
C TYR B 112 -13.32 10.35 29.36
N PRO B 117 -15.33 4.00 26.79
CA PRO B 117 -15.56 4.76 25.57
C PRO B 117 -17.00 4.68 25.06
N ASP B 118 -17.34 5.59 24.16
CA ASP B 118 -18.66 5.67 23.58
C ASP B 118 -18.61 6.50 22.31
N ALA B 119 -19.59 6.26 21.44
CA ALA B 119 -19.79 7.13 20.28
C ALA B 119 -20.57 8.40 20.66
N GLU B 120 -21.16 8.48 21.86
CA GLU B 120 -21.78 9.74 22.28
C GLU B 120 -20.74 10.83 22.53
N ARG B 121 -19.47 10.46 22.69
CA ARG B 121 -18.41 11.43 22.93
C ARG B 121 -17.90 12.07 21.64
N LEU B 122 -18.55 11.81 20.51
CA LEU B 122 -18.25 12.49 19.26
C LEU B 122 -18.55 13.99 19.39
N ILE B 123 -17.53 14.81 19.14
CA ILE B 123 -17.73 16.25 19.13
C ILE B 123 -18.23 16.73 17.78
N GLU B 124 -17.59 16.26 16.71
CA GLU B 124 -17.92 16.68 15.35
C GLU B 124 -17.36 15.65 14.38
N GLU B 125 -17.93 15.63 13.17
CA GLU B 125 -17.51 14.67 12.16
C GLU B 125 -17.64 15.31 10.79
N THR B 126 -16.66 15.06 9.94
CA THR B 126 -16.68 15.56 8.57
C THR B 126 -16.06 14.53 7.65
N SER B 127 -16.30 14.70 6.36
CA SER B 127 -15.80 13.79 5.34
C SER B 127 -15.42 14.59 4.11
N TYR B 128 -14.44 14.10 3.37
CA TYR B 128 -14.02 14.71 2.11
C TYR B 128 -13.62 13.58 1.16
N SER B 129 -14.16 13.62 -0.06
CA SER B 129 -13.73 12.73 -1.13
C SER B 129 -13.18 13.57 -2.27
N GLY B 130 -12.04 13.15 -2.81
CA GLY B 130 -11.41 13.93 -3.85
C GLY B 130 -10.25 13.19 -4.47
N VAL B 131 -9.47 13.92 -5.26
CA VAL B 131 -8.30 13.38 -5.94
C VAL B 131 -7.17 14.38 -5.75
N ILE B 132 -6.06 13.91 -5.17
CA ILE B 132 -4.90 14.77 -4.95
C ILE B 132 -3.66 14.03 -5.43
N LEU B 133 -2.71 14.78 -5.95
CA LEU B 133 -1.44 14.23 -6.40
C LEU B 133 -0.34 14.56 -5.41
N PRO B 134 0.76 13.79 -5.41
CA PRO B 134 1.84 14.07 -4.47
C PRO B 134 2.41 15.47 -4.67
N SER B 135 2.53 16.21 -3.57
CA SER B 135 3.07 17.57 -3.55
C SER B 135 3.25 18.04 -2.11
N PRO B 136 4.26 18.86 -1.82
CA PRO B 136 4.37 19.44 -0.48
C PRO B 136 3.33 20.52 -0.18
N GLU B 137 2.63 21.01 -1.20
CA GLU B 137 1.59 22.02 -0.97
C GLU B 137 0.39 21.38 -0.29
N TRP B 138 -0.15 22.09 0.69
CA TRP B 138 -1.29 21.60 1.45
C TRP B 138 -2.60 22.00 0.78
N LYS B 139 -3.61 21.14 0.92
CA LYS B 139 -4.99 21.48 0.60
C LYS B 139 -5.70 21.77 1.92
N THR B 140 -6.11 23.02 2.13
CA THR B 140 -6.79 23.42 3.36
C THR B 140 -8.29 23.17 3.19
N LEU B 141 -8.88 22.49 4.18
CA LEU B 141 -10.30 22.17 4.20
C LEU B 141 -10.89 22.75 5.47
N ASP B 142 -12.16 23.14 5.40
CA ASP B 142 -12.80 23.81 6.53
C ASP B 142 -14.22 23.30 6.65
N HIS B 143 -14.55 22.77 7.83
CA HIS B 143 -15.86 22.17 8.11
C HIS B 143 -16.56 23.02 9.12
N ILE B 144 -17.63 23.72 8.68
CA ILE B 144 -18.51 24.47 9.49
C ILE B 144 -19.63 23.55 9.98
N GLY B 145 -19.47 22.83 11.05
CA GLY B 145 -20.45 21.85 11.48
C GLY B 145 -21.55 22.43 12.38
N ARG B 146 -22.50 21.55 12.74
CA ARG B 146 -23.58 21.95 13.63
C ARG B 146 -23.04 22.37 15.00
N ASN B 147 -22.01 21.67 15.47
CA ASN B 147 -21.47 21.87 16.81
C ASN B 147 -20.14 22.62 16.81
N ALA B 148 -19.16 22.20 16.02
CA ALA B 148 -17.85 22.81 16.02
C ALA B 148 -17.41 23.15 14.61
N ARG B 149 -16.48 24.10 14.53
CA ARG B 149 -15.79 24.42 13.29
C ARG B 149 -14.40 23.77 13.34
N ILE B 150 -14.09 22.98 12.31
CA ILE B 150 -12.78 22.34 12.21
C ILE B 150 -12.12 22.82 10.93
N THR B 151 -10.93 23.40 11.07
CA THR B 151 -10.07 23.70 9.92
C THR B 151 -8.90 22.73 9.95
N TYR B 152 -8.62 22.09 8.80
CA TYR B 152 -7.54 21.12 8.72
C TYR B 152 -6.94 21.16 7.31
N ARG B 153 -5.85 20.41 7.12
CA ARG B 153 -5.20 20.40 5.83
C ARG B 153 -4.62 19.02 5.54
N VAL B 154 -4.55 18.69 4.25
CA VAL B 154 -4.11 17.36 3.84
C VAL B 154 -3.13 17.49 2.68
N ARG B 155 -2.23 16.52 2.59
CA ARG B 155 -1.33 16.42 1.46
C ARG B 155 -0.85 14.99 1.37
N VAL B 156 -0.26 14.67 0.22
CA VAL B 156 0.41 13.40 -0.01
C VAL B 156 1.83 13.71 -0.45
N GLN B 157 2.80 13.00 0.13
CA GLN B 157 4.21 13.18 -0.21
C GLN B 157 4.82 11.81 -0.42
N CYS B 158 5.61 11.67 -1.48
CA CYS B 158 6.35 10.44 -1.67
C CYS B 158 7.44 10.31 -0.62
N ALA B 159 7.78 9.07 -0.28
CA ALA B 159 8.95 8.82 0.54
C ALA B 159 10.21 9.26 -0.19
N VAL B 160 11.28 9.47 0.59
CA VAL B 160 12.55 9.85 -0.02
C VAL B 160 12.95 8.77 -1.02
N THR B 161 13.46 9.23 -2.17
CA THR B 161 13.90 8.41 -3.30
C THR B 161 12.74 7.89 -4.14
N TYR B 162 11.53 8.41 -3.99
CA TYR B 162 10.40 7.98 -4.82
C TYR B 162 9.72 9.20 -5.44
N TYR B 163 9.27 9.04 -6.68
CA TYR B 163 8.83 10.13 -7.54
C TYR B 163 7.68 9.64 -8.41
N ASN B 164 7.21 10.50 -9.33
CA ASN B 164 6.13 10.16 -10.29
C ASN B 164 4.79 10.40 -9.58
N THR B 165 3.71 10.51 -10.35
CA THR B 165 2.41 10.85 -9.76
C THR B 165 1.91 9.80 -8.78
N THR B 166 2.40 8.57 -8.87
CA THR B 166 2.01 7.49 -7.97
C THR B 166 3.06 7.17 -6.92
N CYS B 167 4.19 7.88 -6.91
CA CYS B 167 5.26 7.61 -5.95
C CYS B 167 5.82 6.20 -6.10
N THR B 168 5.93 5.73 -7.35
CA THR B 168 6.42 4.38 -7.61
C THR B 168 7.72 4.34 -8.38
N THR B 169 8.30 5.48 -8.74
CA THR B 169 9.57 5.54 -9.46
C THR B 169 10.71 5.80 -8.48
N PHE B 170 11.64 4.86 -8.38
CA PHE B 170 12.77 4.98 -7.48
C PHE B 170 13.92 5.72 -8.16
N CYS B 171 14.51 6.66 -7.44
CA CYS B 171 15.69 7.35 -7.93
C CYS B 171 16.47 7.88 -6.74
N ARG B 172 17.79 7.72 -6.80
CA ARG B 172 18.70 8.22 -5.78
C ARG B 172 19.87 8.88 -6.51
N PRO B 173 20.08 10.19 -6.37
CA PRO B 173 21.14 10.84 -7.15
C PRO B 173 22.51 10.28 -6.79
N ARG B 174 23.41 10.29 -7.79
CA ARG B 174 24.71 9.66 -7.68
C ARG B 174 25.76 10.51 -8.37
N ASP B 175 26.98 10.49 -7.82
CA ASP B 175 28.09 11.21 -8.43
C ASP B 175 29.39 10.50 -8.05
N ASP B 176 29.59 9.32 -8.62
CA ASP B 176 30.75 8.50 -8.33
C ASP B 176 31.02 7.61 -9.55
N GLN B 177 31.83 6.57 -9.35
CA GLN B 177 32.26 5.74 -10.47
C GLN B 177 31.10 5.05 -11.17
N PHE B 178 30.04 4.74 -10.44
CA PHE B 178 28.94 3.94 -10.98
C PHE B 178 27.83 4.77 -11.60
N GLY B 179 27.85 6.09 -11.45
CA GLY B 179 26.87 6.92 -12.11
C GLY B 179 27.04 8.38 -11.76
N HIS B 180 26.61 9.26 -12.66
CA HIS B 180 26.70 10.71 -12.45
C HIS B 180 25.35 11.30 -12.91
N TYR B 181 24.41 11.44 -11.97
CA TYR B 181 23.10 11.92 -12.35
C TYR B 181 22.36 12.49 -11.15
N ALA B 182 21.49 13.45 -11.45
CA ALA B 182 20.49 13.94 -10.51
C ALA B 182 19.17 13.23 -10.81
N CYS B 183 18.19 13.47 -9.96
CA CYS B 183 16.85 12.90 -10.14
C CYS B 183 15.91 14.01 -10.55
N GLY B 184 15.20 13.80 -11.65
CA GLY B 184 14.23 14.78 -12.08
C GLY B 184 13.00 14.69 -11.21
N SER B 185 12.07 15.57 -11.51
CA SER B 185 10.74 15.53 -10.99
C SER B 185 9.79 14.37 -11.22
N GLU B 186 10.09 13.45 -12.13
CA GLU B 186 9.36 12.18 -12.14
C GLU B 186 10.26 10.99 -11.82
N GLY B 187 11.46 11.24 -11.30
CA GLY B 187 12.38 10.15 -11.00
C GLY B 187 13.26 9.74 -12.16
N GLN B 188 13.35 10.55 -13.20
CA GLN B 188 14.23 10.27 -14.32
C GLN B 188 15.67 10.56 -13.91
N LYS B 189 16.58 9.69 -14.36
CA LYS B 189 18.01 9.98 -14.19
C LYS B 189 18.38 11.14 -15.12
N LEU B 190 18.82 12.25 -14.53
CA LEU B 190 19.23 13.44 -15.27
C LEU B 190 20.76 13.44 -15.24
N CYS B 191 21.37 12.97 -16.34
CA CYS B 191 22.82 12.85 -16.39
C CYS B 191 23.47 14.20 -16.17
N LEU B 192 24.50 14.23 -15.33
CA LEU B 192 25.30 15.44 -15.19
C LEU B 192 26.04 15.72 -16.49
N ASN B 193 26.43 16.97 -16.69
CA ASN B 193 26.99 17.38 -17.97
C ASN B 193 28.22 16.54 -18.31
N GLY B 194 28.22 15.99 -19.53
CA GLY B 194 29.33 15.19 -19.99
C GLY B 194 29.21 13.72 -19.67
N TRP B 195 28.03 13.23 -19.32
CA TRP B 195 27.83 11.83 -19.00
C TRP B 195 26.60 11.32 -19.75
N GLN B 196 26.61 10.01 -20.02
CA GLN B 196 25.52 9.38 -20.75
C GLN B 196 25.45 7.91 -20.32
N GLY B 197 24.47 7.21 -20.85
CA GLY B 197 24.29 5.79 -20.58
C GLY B 197 23.07 5.52 -19.71
N VAL B 198 22.86 4.23 -19.45
CA VAL B 198 21.68 3.82 -18.70
C VAL B 198 21.75 4.36 -17.28
N ASN B 199 22.94 4.33 -16.67
CA ASN B 199 23.16 4.89 -15.34
C ASN B 199 24.04 6.13 -15.38
N CYS B 200 24.13 6.79 -16.53
CA CYS B 200 24.97 7.97 -16.70
C CYS B 200 26.40 7.68 -16.23
N GLU B 201 26.89 6.48 -16.56
CA GLU B 201 28.21 6.02 -16.16
C GLU B 201 29.26 6.17 -17.25
N GLU B 202 28.87 6.57 -18.46
CA GLU B 202 29.77 6.65 -19.60
C GLU B 202 30.11 8.12 -19.87
N ALA B 203 31.40 8.44 -19.85
CA ALA B 203 31.85 9.79 -20.19
C ALA B 203 31.67 10.04 -21.69
N ILE B 204 31.25 11.26 -22.01
CA ILE B 204 31.12 11.70 -23.41
C ILE B 204 32.47 12.26 -23.85
N CYS B 205 33.13 11.57 -24.77
CA CYS B 205 34.49 11.95 -25.13
C CYS B 205 34.49 13.20 -26.00
N LYS B 206 35.68 13.78 -26.16
CA LYS B 206 35.93 14.95 -27.00
C LYS B 206 35.23 14.83 -28.33
N ALA B 207 34.77 15.95 -28.89
CA ALA B 207 34.16 15.94 -30.21
C ALA B 207 35.18 15.51 -31.26
N GLY B 208 34.82 14.51 -32.05
CA GLY B 208 35.72 13.96 -33.04
C GLY B 208 36.53 12.78 -32.56
N CYS B 209 36.48 12.45 -31.27
CA CYS B 209 37.23 11.31 -30.76
C CYS B 209 36.76 10.03 -31.46
N ASP B 210 37.71 9.29 -32.03
CA ASP B 210 37.42 8.10 -32.80
C ASP B 210 36.58 7.11 -31.99
N PRO B 211 35.39 6.72 -32.46
CA PRO B 211 34.55 5.81 -31.66
C PRO B 211 35.16 4.44 -31.45
N VAL B 212 36.05 3.99 -32.32
CA VAL B 212 36.63 2.66 -32.22
C VAL B 212 37.97 2.67 -31.50
N HIS B 213 38.84 3.61 -31.85
CA HIS B 213 40.21 3.64 -31.35
C HIS B 213 40.42 4.71 -30.29
N GLY B 214 39.36 5.38 -29.88
CA GLY B 214 39.43 6.35 -28.80
C GLY B 214 38.53 5.95 -27.65
N LYS B 215 38.91 6.39 -26.44
CA LYS B 215 38.14 6.12 -25.24
C LYS B 215 38.27 7.33 -24.31
N CYS B 216 37.52 7.32 -23.23
CA CYS B 216 37.63 8.35 -22.20
C CYS B 216 36.98 7.87 -20.92
N ASP B 217 37.64 8.13 -19.79
CA ASP B 217 37.10 7.90 -18.47
C ASP B 217 36.56 9.16 -17.82
N ARG B 218 36.92 10.33 -18.33
CA ARG B 218 36.44 11.62 -17.86
C ARG B 218 35.93 12.40 -19.06
N PRO B 219 34.89 13.23 -18.87
CA PRO B 219 34.27 13.88 -20.02
C PRO B 219 35.20 14.83 -20.74
N GLY B 220 35.05 14.88 -22.07
CA GLY B 220 35.80 15.82 -22.88
C GLY B 220 37.20 15.41 -23.21
N GLU B 221 37.60 14.18 -22.87
CA GLU B 221 38.94 13.68 -23.13
C GLU B 221 38.90 12.63 -24.24
N CYS B 222 40.09 12.31 -24.77
CA CYS B 222 40.21 11.29 -25.82
C CYS B 222 41.55 10.58 -25.61
N GLU B 223 41.49 9.37 -25.04
CA GLU B 223 42.66 8.54 -24.80
C GLU B 223 42.70 7.41 -25.81
N CYS B 224 43.88 7.14 -26.35
CA CYS B 224 43.99 6.24 -27.49
C CYS B 224 44.22 4.81 -27.05
N ARG B 225 43.60 3.87 -27.78
CA ARG B 225 43.89 2.46 -27.65
C ARG B 225 45.24 2.16 -28.28
N PRO B 226 45.81 0.99 -28.00
CA PRO B 226 47.19 0.70 -28.47
C PRO B 226 47.35 0.85 -29.98
N GLY B 227 48.43 1.54 -30.36
CA GLY B 227 48.75 1.73 -31.76
C GLY B 227 48.02 2.86 -32.44
N TRP B 228 47.38 3.75 -31.68
CA TRP B 228 46.69 4.90 -32.22
C TRP B 228 47.11 6.14 -31.45
N ARG B 229 47.03 7.28 -32.12
CA ARG B 229 47.60 8.52 -31.60
C ARG B 229 46.87 9.69 -32.23
N GLY B 230 47.26 10.90 -31.83
CA GLY B 230 46.61 12.11 -32.27
C GLY B 230 45.62 12.60 -31.23
N PRO B 231 45.27 13.89 -31.29
CA PRO B 231 44.29 14.41 -30.33
C PRO B 231 42.96 13.68 -30.36
N LEU B 232 42.60 13.08 -31.50
CA LEU B 232 41.33 12.39 -31.65
C LEU B 232 41.49 10.88 -31.79
N CYS B 233 42.71 10.37 -31.61
CA CYS B 233 42.97 8.93 -31.63
C CYS B 233 42.49 8.31 -32.95
N ASN B 234 42.64 9.05 -34.04
CA ASN B 234 42.26 8.58 -35.36
C ASN B 234 43.45 8.36 -36.28
N GLU B 235 44.67 8.31 -35.75
CA GLU B 235 45.89 8.13 -36.54
C GLU B 235 46.59 6.85 -36.09
N CYS B 236 46.65 5.85 -36.97
CA CYS B 236 47.33 4.61 -36.62
C CYS B 236 48.84 4.83 -36.62
N MET B 237 49.54 4.00 -35.85
CA MET B 237 50.98 4.07 -35.76
C MET B 237 51.56 3.00 -36.68
N VAL B 238 52.44 3.43 -37.59
CA VAL B 238 53.10 2.49 -38.49
C VAL B 238 54.14 1.69 -37.71
N TYR B 239 54.39 0.48 -38.16
CA TYR B 239 55.40 -0.36 -37.52
C TYR B 239 56.75 0.34 -37.55
N PRO B 240 57.49 0.37 -36.44
CA PRO B 240 58.78 1.05 -36.44
C PRO B 240 59.69 0.49 -37.53
N GLY B 241 60.28 1.38 -38.32
CA GLY B 241 61.14 1.00 -39.42
C GLY B 241 60.49 1.09 -40.78
N CYS B 242 59.19 1.30 -40.84
CA CYS B 242 58.49 1.40 -42.10
C CYS B 242 58.94 2.64 -42.87
N LYS B 243 59.25 2.46 -44.15
CA LYS B 243 59.71 3.57 -44.97
C LYS B 243 58.58 4.07 -45.87
N HIS B 244 58.51 3.57 -47.11
CA HIS B 244 57.50 4.05 -48.06
C HIS B 244 56.23 3.20 -47.93
N GLY B 245 55.57 3.38 -46.78
CA GLY B 245 54.39 2.62 -46.46
C GLY B 245 53.59 3.32 -45.39
N SER B 246 52.42 2.75 -45.09
CA SER B 246 51.51 3.31 -44.10
C SER B 246 50.77 2.18 -43.42
N CYS B 247 50.12 2.50 -42.29
CA CYS B 247 49.44 1.48 -41.49
C CYS B 247 48.08 1.06 -42.08
N ASN B 248 47.50 1.86 -42.97
CA ASN B 248 46.25 1.48 -43.65
C ASN B 248 45.15 1.12 -42.65
N GLY B 249 45.00 1.95 -41.62
CA GLY B 249 43.91 1.77 -40.68
C GLY B 249 44.05 0.60 -39.72
N SER B 250 45.25 0.03 -39.58
CA SER B 250 45.49 -1.05 -38.63
C SER B 250 46.78 -0.77 -37.89
N ALA B 251 46.71 -0.83 -36.55
CA ALA B 251 47.87 -0.51 -35.73
C ALA B 251 49.08 -1.36 -36.09
N TRP B 252 50.24 -0.71 -36.15
CA TRP B 252 51.53 -1.38 -36.26
C TRP B 252 51.66 -2.21 -37.53
N LYS B 253 51.17 -1.68 -38.64
CA LYS B 253 51.33 -2.32 -39.94
C LYS B 253 52.16 -1.42 -40.85
N CYS B 254 52.65 -2.00 -41.94
CA CYS B 254 53.48 -1.29 -42.92
C CYS B 254 53.03 -1.78 -44.31
N VAL B 255 51.98 -1.15 -44.83
CA VAL B 255 51.43 -1.47 -46.14
C VAL B 255 52.09 -0.57 -47.18
N CYS B 256 52.65 -1.18 -48.22
CA CYS B 256 53.56 -0.46 -49.09
C CYS B 256 52.82 0.50 -50.02
N ASP B 257 53.49 1.62 -50.31
CA ASP B 257 53.08 2.50 -51.39
C ASP B 257 53.35 1.81 -52.74
N THR B 258 52.78 2.37 -53.79
CA THR B 258 52.93 1.79 -55.12
C THR B 258 54.39 1.74 -55.52
N ASN B 259 54.81 0.61 -56.09
CA ASN B 259 56.17 0.39 -56.57
C ASN B 259 57.18 0.35 -55.41
N TRP B 260 56.74 -0.11 -54.25
CA TRP B 260 57.62 -0.35 -53.11
C TRP B 260 57.25 -1.69 -52.49
N GLY B 261 58.25 -2.41 -51.98
CA GLY B 261 58.05 -3.73 -51.43
C GLY B 261 58.91 -3.98 -50.20
N GLY B 262 58.72 -5.15 -49.61
CA GLY B 262 59.42 -5.55 -48.41
C GLY B 262 58.54 -5.43 -47.17
N ILE B 263 58.96 -6.10 -46.09
CA ILE B 263 58.22 -6.03 -44.84
C ILE B 263 58.20 -4.59 -44.32
N LEU B 264 59.24 -3.82 -44.62
CA LEU B 264 59.32 -2.43 -44.24
C LEU B 264 59.14 -1.49 -45.44
N CYS B 265 58.71 -2.03 -46.59
CA CYS B 265 58.36 -1.21 -47.74
C CYS B 265 59.52 -0.29 -48.12
N ASP B 266 60.72 -0.87 -48.21
CA ASP B 266 61.93 -0.15 -48.53
C ASP B 266 62.64 -0.71 -49.76
N GLN B 267 61.94 -1.49 -50.59
CA GLN B 267 62.53 -2.11 -51.77
C GLN B 267 61.92 -1.47 -53.01
N ASP B 268 62.70 -0.64 -53.70
CA ASP B 268 62.25 -0.06 -54.96
C ASP B 268 62.06 -1.15 -56.01
N LEU B 269 60.85 -1.23 -56.56
CA LEU B 269 60.52 -2.25 -57.55
C LEU B 269 60.77 -1.74 -58.97
C1 NAG C . -12.53 -6.50 -6.81
C2 NAG C . -13.80 -5.66 -6.63
C3 NAG C . -14.35 -5.23 -7.99
C4 NAG C . -13.28 -4.50 -8.80
C5 NAG C . -11.91 -5.16 -8.75
C6 NAG C . -10.79 -4.22 -9.19
C7 NAG C . -15.56 -5.78 -4.93
C8 NAG C . -16.59 -6.66 -4.26
N2 NAG C . -14.83 -6.38 -5.88
O3 NAG C . -15.49 -4.39 -7.82
O4 NAG C . -13.75 -4.51 -10.15
O5 NAG C . -11.54 -5.66 -7.44
O6 NAG C . -11.20 -2.85 -9.12
O7 NAG C . -15.39 -4.61 -4.61
H2 NAG C . -13.56 -4.85 -6.13
H3 NAG C . -14.62 -6.04 -8.46
H4 NAG C . -13.14 -3.61 -8.43
H5 NAG C . -11.95 -5.95 -9.33
H61 NAG C . -10.54 -4.43 -10.10
H62 NAG C . -10.03 -4.35 -8.60
H81 NAG C . -16.96 -6.18 -3.50
H82 NAG C . -16.17 -7.48 -3.96
H83 NAG C . -17.30 -6.86 -4.90
HN2 NAG C . -14.99 -7.27 -6.07
HO3 NAG C . -16.19 -4.75 -8.25
HO6 NAG C . -11.19 -2.57 -8.28
C1 NAG C . -13.67 -3.26 -10.90
C2 NAG C . -14.15 -3.62 -12.33
C3 NAG C . -15.67 -3.78 -12.41
C4 NAG C . -16.34 -3.46 -11.09
C5 NAG C . -15.87 -2.08 -10.65
C6 NAG C . -16.55 -1.61 -9.39
C7 NAG C . -12.48 -2.69 -13.86
C8 NAG C . -12.16 -1.62 -14.86
N2 NAG C . -13.69 -2.64 -13.30
O3 NAG C . -15.98 -5.13 -12.79
O4 NAG C . -17.76 -3.43 -11.26
O5 NAG C . -14.47 -2.13 -10.37
O6 NAG C . -16.90 -0.24 -9.46
O7 NAG C . -11.66 -3.55 -13.56
H2 NAG C . -13.77 -4.49 -12.55
H3 NAG C . -16.01 -3.17 -13.09
H4 NAG C . -16.13 -4.13 -10.42
H5 NAG C . -16.03 -1.44 -11.37
H61 NAG C . -15.95 -1.74 -8.64
H62 NAG C . -17.36 -2.13 -9.25
H81 NAG C . -11.26 -1.74 -15.20
H82 NAG C . -12.25 -0.75 -14.45
H83 NAG C . -12.80 -1.69 -15.61
HN2 NAG C . -14.26 -1.97 -13.54
HO3 NAG C . -16.85 -5.21 -12.89
HO4 NAG C . -18.15 -3.84 -10.58
HO6 NAG C . -17.30 0.01 -8.70
CA CA D . 27.37 -26.03 1.75
C1 NAG E . -7.80 1.12 12.73
C2 NAG E . -6.65 0.21 13.03
C3 NAG E . -7.09 -1.23 12.75
C4 NAG E . -8.58 -1.43 12.95
C5 NAG E . -9.26 -0.42 13.87
C6 NAG E . -9.00 -0.71 15.34
C7 NAG E . -4.31 -0.12 12.39
C8 NAG E . -3.20 0.33 11.50
N2 NAG E . -5.48 0.53 12.25
O3 NAG E . -6.38 -2.13 13.61
O4 NAG E . -9.24 -1.36 11.68
O5 NAG E . -8.83 0.93 13.65
O6 NAG E . -9.84 0.06 16.19
O7 NAG E . -4.17 -1.02 13.22
H2 NAG E . -6.41 0.30 13.97
H3 NAG E . -6.87 -1.42 11.82
H4 NAG E . -8.68 -2.30 13.37
H5 NAG E . -10.22 -0.44 13.67
H61 NAG E . -8.06 -0.50 15.54
H62 NAG E . -9.16 -1.65 15.51
H81 NAG E . -2.39 -0.18 11.71
H82 NAG E . -3.02 1.28 11.64
H83 NAG E . -3.45 0.17 10.57
HN2 NAG E . -5.54 1.20 11.63
HO3 NAG E . -5.68 -1.71 13.96
HO4 NAG E . -9.98 -1.82 11.69
HO6 NAG E . -9.66 -0.14 17.04
C1 NAG F . 5.34 8.94 -14.51
C2 NAG F . 6.40 8.08 -15.24
C3 NAG F . 5.98 7.84 -16.69
C4 NAG F . 4.63 7.12 -16.70
C5 NAG F . 3.59 7.93 -15.92
C6 NAG F . 2.27 7.19 -15.81
C7 NAG F . 8.82 8.03 -14.88
C8 NAG F . 10.11 8.81 -14.89
N2 NAG F . 7.72 8.72 -15.21
O3 NAG F . 6.94 7.04 -17.36
O4 NAG F . 4.20 6.96 -18.04
O5 NAG F . 4.03 8.21 -14.58
O6 NAG F . 2.26 6.32 -14.69
O7 NAG F . 8.80 6.84 -14.57
H2 NAG F . 6.45 7.22 -14.78
H3 NAG F . 5.93 8.69 -17.15
H4 NAG F . 4.72 6.25 -16.28
H5 NAG F . 3.46 8.79 -16.36
H61 NAG F . 2.13 6.67 -16.62
H62 NAG F . 1.55 7.84 -15.71
H81 NAG F . 10.82 8.27 -14.51
H82 NAG F . 9.99 9.63 -14.38
H83 NAG F . 10.33 9.04 -15.81
HN2 NAG F . 7.81 9.60 -15.40
HO3 NAG F . 6.69 6.91 -18.21
HO4 NAG F . 3.90 6.13 -18.17
HO6 NAG F . 3.02 6.41 -14.23
CA CA G . -20.27 23.73 20.00
#